data_4B4C
#
_entry.id   4B4C
#
_cell.length_a   62.464
_cell.length_b   62.464
_cell.length_c   128.085
_cell.angle_alpha   90.00
_cell.angle_beta   90.00
_cell.angle_gamma   90.00
#
_symmetry.space_group_name_H-M   'P 41 21 2'
#
loop_
_entity.id
_entity.type
_entity.pdbx_description
1 polymer 'CHROMODOMAIN-HELICASE-DNA-BINDING PROTEIN 1'
2 non-polymer 'SULFATE ION'
3 non-polymer 1,2-ETHANEDIOL
4 non-polymer GLYCEROL
5 water water
#
_entity_poly.entity_id   1
_entity_poly.type   'polypeptide(L)'
_entity_poly.pdbx_seq_one_letter_code
;SMPRENIKGFSDAEIRRFIKSYKKFGGPLERLDAIARDAELVDKSETDLRRLGELVHNGCIKALKDSSSGTERTGGRLGK
VKGPTFRISGVQVNAKLVISHEEELIPLHKSIPSDPEERKQYTIPCHTKAAHFDIDWGKEDDSNLLIGIYEYGYGSWEMI
KMDPDLSLTHKILPDDPDKKPQAKQLQTRADYLIKLLSRDLAKKEALSGAG
;
_entity_poly.pdbx_strand_id   A
#
# COMPACT_ATOMS: atom_id res chain seq x y z
N LYS A 8 11.21 -24.23 -0.56
CA LYS A 8 10.81 -23.37 -1.67
C LYS A 8 12.03 -22.79 -2.37
N GLY A 9 11.90 -22.50 -3.68
CA GLY A 9 12.95 -21.92 -4.52
C GLY A 9 13.25 -20.47 -4.22
N PHE A 10 13.54 -20.20 -2.94
CA PHE A 10 13.82 -18.90 -2.37
C PHE A 10 14.75 -19.04 -1.19
N SER A 11 15.60 -18.04 -0.98
CA SER A 11 16.47 -18.00 0.18
C SER A 11 15.74 -17.36 1.34
N ASP A 12 16.19 -17.56 2.58
CA ASP A 12 15.60 -16.92 3.77
C ASP A 12 15.60 -15.40 3.63
N ALA A 13 16.69 -14.83 3.09
CA ALA A 13 16.81 -13.40 2.83
C ALA A 13 15.72 -12.94 1.82
N GLU A 14 15.44 -13.75 0.78
CA GLU A 14 14.44 -13.43 -0.24
C GLU A 14 13.02 -13.50 0.35
N ILE A 15 12.76 -14.52 1.20
CA ILE A 15 11.48 -14.70 1.90
C ILE A 15 11.20 -13.44 2.74
N ARG A 16 12.21 -12.97 3.52
CA ARG A 16 12.11 -11.79 4.39
C ARG A 16 11.79 -10.53 3.58
N ARG A 17 12.45 -10.32 2.41
CA ARG A 17 12.15 -9.17 1.55
C ARG A 17 10.71 -9.27 1.02
N PHE A 18 10.30 -10.50 0.58
CA PHE A 18 8.94 -10.73 0.09
C PHE A 18 7.90 -10.33 1.15
N ILE A 19 8.09 -10.79 2.41
CA ILE A 19 7.14 -10.50 3.50
C ILE A 19 7.07 -8.99 3.81
N LYS A 20 8.22 -8.29 3.81
CA LYS A 20 8.25 -6.84 4.04
C LYS A 20 7.41 -6.13 2.96
N SER A 21 7.53 -6.56 1.69
CA SER A 21 6.80 -5.95 0.57
C SER A 21 5.32 -6.38 0.57
N TYR A 22 5.02 -7.63 0.94
CA TYR A 22 3.66 -8.15 1.02
C TYR A 22 2.81 -7.28 1.95
N LYS A 23 3.38 -6.88 3.11
CA LYS A 23 2.70 -6.05 4.12
C LYS A 23 2.33 -4.65 3.60
N LYS A 24 2.85 -4.25 2.44
CA LYS A 24 2.60 -2.90 1.92
C LYS A 24 1.37 -2.80 1.05
N PHE A 25 0.69 -3.93 0.76
CA PHE A 25 -0.44 -3.96 -0.15
C PHE A 25 -1.64 -4.64 0.43
N GLY A 26 -2.78 -3.96 0.52
N GLY A 26 -2.79 -4.27 -0.14
CA GLY A 26 -4.01 -4.48 1.13
CA GLY A 26 -4.08 -4.94 0.06
C GLY A 26 -4.58 -5.74 0.51
C GLY A 26 -4.27 -5.93 -1.06
N GLY A 27 -4.32 -5.94 -0.79
N GLY A 27 -5.01 -7.01 -0.78
CA GLY A 27 -4.77 -7.12 -1.52
CA GLY A 27 -5.21 -8.10 -1.75
C GLY A 27 -3.57 -7.73 -2.22
C GLY A 27 -3.85 -8.45 -2.35
N PRO A 28 -2.77 -8.55 -1.50
CA PRO A 28 -1.43 -8.88 -2.05
C PRO A 28 -1.35 -10.02 -3.05
N LEU A 29 -2.21 -11.03 -3.01
CA LEU A 29 -2.11 -12.12 -3.98
C LEU A 29 -2.45 -11.70 -5.41
N GLU A 30 -3.04 -10.53 -5.55
CA GLU A 30 -3.36 -9.98 -6.88
C GLU A 30 -2.32 -8.94 -7.27
N ARG A 31 -1.29 -8.71 -6.40
CA ARG A 31 -0.25 -7.70 -6.65
CA ARG A 31 -0.25 -7.71 -6.58
C ARG A 31 1.16 -8.31 -6.57
C ARG A 31 1.16 -8.32 -6.52
N LEU A 32 1.29 -9.61 -6.87
CA LEU A 32 2.56 -10.32 -6.77
C LEU A 32 3.68 -9.71 -7.61
N ASP A 33 3.36 -9.13 -8.80
CA ASP A 33 4.40 -8.48 -9.62
C ASP A 33 4.86 -7.17 -8.97
N ALA A 34 3.92 -6.39 -8.36
CA ALA A 34 4.32 -5.17 -7.67
C ALA A 34 5.14 -5.52 -6.42
N ILE A 35 4.76 -6.63 -5.74
CA ILE A 35 5.51 -7.11 -4.56
C ILE A 35 6.93 -7.52 -5.00
N ALA A 36 7.05 -8.33 -6.08
CA ALA A 36 8.36 -8.76 -6.62
C ALA A 36 9.23 -7.58 -6.99
N ARG A 37 8.66 -6.55 -7.66
CA ARG A 37 9.38 -5.33 -8.04
C ARG A 37 9.92 -4.64 -6.78
N ASP A 38 9.06 -4.50 -5.74
CA ASP A 38 9.44 -3.82 -4.50
C ASP A 38 10.47 -4.58 -3.69
N ALA A 39 10.40 -5.91 -3.70
CA ALA A 39 11.24 -6.80 -2.89
C ALA A 39 12.52 -7.24 -3.63
N GLU A 40 12.75 -6.69 -4.84
CA GLU A 40 13.92 -6.99 -5.71
C GLU A 40 13.99 -8.49 -5.98
N LEU A 41 12.85 -9.05 -6.47
CA LEU A 41 12.62 -10.45 -6.81
C LEU A 41 12.04 -10.60 -8.23
N VAL A 42 12.30 -9.61 -9.11
CA VAL A 42 11.79 -9.53 -10.49
C VAL A 42 12.12 -10.77 -11.31
N ASP A 43 13.29 -11.41 -11.03
CA ASP A 43 13.82 -12.61 -11.67
C ASP A 43 12.96 -13.87 -11.47
N LYS A 44 12.19 -13.94 -10.35
CA LYS A 44 11.37 -15.09 -9.96
C LYS A 44 10.18 -15.31 -10.88
N SER A 45 9.80 -16.58 -11.06
CA SER A 45 8.68 -16.99 -11.90
C SER A 45 7.36 -16.66 -11.22
N GLU A 46 6.28 -16.46 -12.00
CA GLU A 46 4.93 -16.16 -11.50
C GLU A 46 4.42 -17.30 -10.61
N THR A 47 4.81 -18.55 -10.90
CA THR A 47 4.42 -19.74 -10.15
C THR A 47 5.12 -19.72 -8.77
N ASP A 48 6.42 -19.38 -8.73
CA ASP A 48 7.19 -19.32 -7.48
C ASP A 48 6.65 -18.21 -6.57
N LEU A 49 6.35 -17.03 -7.15
CA LEU A 49 5.79 -15.88 -6.44
C LEU A 49 4.41 -16.22 -5.87
N ARG A 50 3.55 -16.88 -6.67
CA ARG A 50 2.21 -17.30 -6.24
C ARG A 50 2.32 -18.30 -5.08
N ARG A 51 3.23 -19.28 -5.17
CA ARG A 51 3.44 -20.29 -4.13
C ARG A 51 3.83 -19.64 -2.80
N LEU A 52 4.81 -18.72 -2.81
CA LEU A 52 5.27 -18.05 -1.60
C LEU A 52 4.15 -17.18 -1.00
N GLY A 53 3.45 -16.42 -1.84
CA GLY A 53 2.37 -15.55 -1.41
C GLY A 53 1.27 -16.36 -0.75
N GLU A 54 0.92 -17.53 -1.32
CA GLU A 54 -0.10 -18.36 -0.72
C GLU A 54 0.38 -18.97 0.60
N LEU A 55 1.70 -19.19 0.80
CA LEU A 55 2.23 -19.68 2.09
C LEU A 55 2.04 -18.60 3.18
N VAL A 56 2.21 -17.33 2.79
CA VAL A 56 2.04 -16.23 3.73
C VAL A 56 0.52 -16.12 4.06
N HIS A 57 -0.33 -16.03 3.01
CA HIS A 57 -1.80 -15.94 3.14
C HIS A 57 -2.37 -17.09 4.00
N ASN A 58 -2.05 -18.36 3.63
CA ASN A 58 -2.56 -19.51 4.34
C ASN A 58 -1.98 -19.64 5.74
N GLY A 59 -0.72 -19.26 5.94
CA GLY A 59 -0.08 -19.29 7.24
C GLY A 59 -0.76 -18.36 8.23
N CYS A 60 -1.15 -17.16 7.77
CA CYS A 60 -1.85 -16.20 8.64
C CYS A 60 -3.22 -16.71 9.05
N ILE A 61 -3.94 -17.36 8.11
CA ILE A 61 -5.26 -17.90 8.38
C ILE A 61 -5.17 -18.98 9.46
N LYS A 62 -4.19 -19.87 9.33
CA LYS A 62 -4.03 -20.99 10.27
C LYS A 62 -3.69 -20.45 11.67
N ALA A 63 -2.76 -19.48 11.76
CA ALA A 63 -2.33 -18.89 13.02
C ALA A 63 -3.43 -18.05 13.73
N LEU A 64 -4.36 -17.41 12.99
CA LEU A 64 -5.39 -16.51 13.56
C LEU A 64 -6.88 -16.97 13.45
N LYS A 65 -7.17 -18.26 13.18
CA LYS A 65 -8.57 -18.70 13.06
C LYS A 65 -9.38 -18.46 14.37
N GLY A 83 2.49 -12.90 19.98
CA GLY A 83 1.38 -13.28 19.12
C GLY A 83 1.61 -14.61 18.39
N PRO A 84 0.64 -15.10 17.59
CA PRO A 84 0.86 -16.37 16.88
C PRO A 84 1.84 -16.22 15.71
N THR A 85 2.77 -17.18 15.60
CA THR A 85 3.81 -17.19 14.55
C THR A 85 3.78 -18.49 13.76
N PHE A 86 4.35 -18.47 12.55
CA PHE A 86 4.50 -19.65 11.70
C PHE A 86 5.79 -19.54 10.92
N ARG A 87 6.29 -20.67 10.40
CA ARG A 87 7.54 -20.67 9.67
C ARG A 87 7.36 -20.90 8.18
N ILE A 88 8.19 -20.20 7.40
CA ILE A 88 8.38 -20.35 5.96
C ILE A 88 9.88 -20.60 5.84
N SER A 89 10.27 -21.86 5.59
CA SER A 89 11.68 -22.27 5.57
C SER A 89 12.26 -21.91 6.97
N GLY A 90 13.32 -21.13 7.03
CA GLY A 90 13.91 -20.71 8.30
C GLY A 90 13.41 -19.37 8.81
N VAL A 91 12.42 -18.76 8.14
CA VAL A 91 11.89 -17.43 8.51
C VAL A 91 10.67 -17.56 9.43
N GLN A 92 10.68 -16.81 10.55
CA GLN A 92 9.59 -16.73 11.54
C GLN A 92 8.71 -15.56 11.13
N VAL A 93 7.43 -15.84 10.86
CA VAL A 93 6.47 -14.83 10.42
C VAL A 93 5.50 -14.50 11.54
N ASN A 94 5.37 -13.21 11.88
CA ASN A 94 4.42 -12.74 12.88
C ASN A 94 3.08 -12.52 12.17
N ALA A 95 2.16 -13.47 12.32
CA ALA A 95 0.85 -13.42 11.67
C ALA A 95 0.02 -12.16 12.07
N LYS A 96 0.02 -11.78 13.37
CA LYS A 96 -0.71 -10.58 13.83
C LYS A 96 -0.19 -9.32 13.15
N LEU A 97 1.13 -9.22 12.97
CA LEU A 97 1.77 -8.05 12.34
C LEU A 97 1.38 -7.94 10.86
N VAL A 98 1.44 -9.06 10.11
CA VAL A 98 1.02 -9.06 8.69
C VAL A 98 -0.44 -8.58 8.62
N ILE A 99 -1.32 -9.20 9.42
CA ILE A 99 -2.75 -8.89 9.31
C ILE A 99 -3.09 -7.48 9.82
N SER A 100 -2.36 -6.96 10.82
CA SER A 100 -2.60 -5.56 11.25
C SER A 100 -2.28 -4.61 10.08
N HIS A 101 -1.20 -4.89 9.33
CA HIS A 101 -0.87 -4.06 8.17
C HIS A 101 -1.94 -4.16 7.10
N GLU A 102 -2.42 -5.40 6.83
CA GLU A 102 -3.47 -5.61 5.85
CA GLU A 102 -3.48 -5.56 5.83
C GLU A 102 -4.77 -4.88 6.27
N GLU A 103 -5.11 -4.92 7.59
CA GLU A 103 -6.35 -4.23 8.01
C GLU A 103 -6.26 -2.71 7.79
N GLU A 104 -5.08 -2.11 8.07
CA GLU A 104 -4.88 -0.67 7.92
C GLU A 104 -5.13 -0.26 6.48
N LEU A 105 -4.88 -1.18 5.53
CA LEU A 105 -5.01 -0.89 4.10
C LEU A 105 -6.38 -1.22 3.52
N ILE A 106 -7.30 -1.80 4.32
CA ILE A 106 -8.64 -2.13 3.82
C ILE A 106 -9.32 -0.93 3.11
N PRO A 107 -9.32 0.31 3.70
CA PRO A 107 -10.06 1.40 3.05
C PRO A 107 -9.46 1.76 1.70
N LEU A 108 -8.12 1.62 1.59
CA LEU A 108 -7.47 1.92 0.32
C LEU A 108 -7.84 0.85 -0.71
N HIS A 109 -7.74 -0.44 -0.34
CA HIS A 109 -8.12 -1.54 -1.23
C HIS A 109 -9.58 -1.42 -1.71
N LYS A 110 -10.49 -0.96 -0.83
CA LYS A 110 -11.90 -0.86 -1.18
C LYS A 110 -12.21 0.40 -1.99
N SER A 111 -11.35 1.43 -1.93
CA SER A 111 -11.65 2.72 -2.60
C SER A 111 -11.01 2.89 -3.96
N ILE A 112 -9.77 2.40 -4.13
CA ILE A 112 -9.05 2.62 -5.38
C ILE A 112 -9.49 1.63 -6.44
N PRO A 113 -9.81 2.06 -7.66
CA PRO A 113 -10.22 1.09 -8.67
C PRO A 113 -9.15 0.07 -9.01
N SER A 114 -9.59 -1.19 -9.22
CA SER A 114 -8.63 -2.19 -9.70
C SER A 114 -8.37 -1.99 -11.20
N ASP A 115 -9.36 -1.43 -11.97
CA ASP A 115 -9.16 -1.15 -13.39
C ASP A 115 -8.10 -0.06 -13.60
N PRO A 116 -7.05 -0.28 -14.44
CA PRO A 116 -5.99 0.73 -14.59
C PRO A 116 -6.44 2.09 -15.13
N GLU A 117 -7.34 2.13 -16.14
CA GLU A 117 -7.81 3.40 -16.73
C GLU A 117 -8.56 4.18 -15.67
N GLU A 118 -9.47 3.50 -14.96
CA GLU A 118 -10.24 4.12 -13.94
C GLU A 118 -9.33 4.61 -12.80
N ARG A 119 -8.36 3.77 -12.41
CA ARG A 119 -7.45 4.14 -11.31
C ARG A 119 -6.68 5.42 -11.63
N LYS A 120 -6.21 5.59 -12.88
CA LYS A 120 -5.45 6.77 -13.28
C LYS A 120 -6.25 8.03 -13.03
N GLN A 121 -7.58 7.94 -13.23
CA GLN A 121 -8.46 9.08 -13.09
C GLN A 121 -9.03 9.22 -11.68
N TYR A 122 -8.63 8.34 -10.74
CA TYR A 122 -9.23 8.40 -9.42
C TYR A 122 -9.01 9.73 -8.72
N THR A 123 -10.08 10.23 -8.10
CA THR A 123 -10.03 11.45 -7.28
CA THR A 123 -10.01 11.43 -7.26
C THR A 123 -10.71 11.13 -5.94
N ILE A 124 -10.07 11.53 -4.83
CA ILE A 124 -10.66 11.32 -3.52
C ILE A 124 -12.01 12.08 -3.52
N PRO A 125 -13.11 11.43 -3.18
CA PRO A 125 -14.43 12.11 -3.31
C PRO A 125 -14.82 13.06 -2.18
N CYS A 126 -14.03 13.10 -1.10
CA CYS A 126 -14.36 13.96 0.04
C CYS A 126 -13.35 15.10 0.23
N HIS A 127 -13.75 16.14 0.99
CA HIS A 127 -12.90 17.29 1.29
C HIS A 127 -11.71 16.87 2.16
N THR A 128 -10.53 17.40 1.84
CA THR A 128 -9.31 17.13 2.61
C THR A 128 -8.85 18.43 3.24
N LYS A 129 -8.45 18.37 4.53
CA LYS A 129 -7.89 19.54 5.25
C LYS A 129 -6.54 19.93 4.61
N ALA A 130 -6.08 21.17 4.85
CA ALA A 130 -4.81 21.66 4.30
C ALA A 130 -3.61 20.79 4.80
N ALA A 131 -2.67 20.48 3.89
CA ALA A 131 -1.53 19.59 4.17
C ALA A 131 -0.37 20.24 4.96
N HIS A 132 -0.20 21.58 4.82
CA HIS A 132 0.86 22.37 5.46
C HIS A 132 2.26 21.89 5.04
N PHE A 133 2.47 21.73 3.71
CA PHE A 133 3.78 21.33 3.18
C PHE A 133 4.53 22.56 2.77
N ASP A 134 3.90 23.73 3.03
CA ASP A 134 4.39 25.06 2.72
C ASP A 134 4.45 25.20 1.19
N ILE A 135 3.72 24.33 0.50
CA ILE A 135 3.65 24.25 -0.97
CA ILE A 135 3.64 24.32 -0.96
C ILE A 135 2.18 24.21 -1.38
N ASP A 136 1.96 24.23 -2.69
CA ASP A 136 0.66 24.02 -3.23
C ASP A 136 0.49 22.51 -3.27
N TRP A 137 -0.40 22.04 -2.46
CA TRP A 137 -0.73 20.60 -2.38
C TRP A 137 -2.23 20.50 -2.35
N GLY A 138 -2.80 20.00 -3.43
CA GLY A 138 -4.25 19.93 -3.52
C GLY A 138 -4.83 18.55 -3.64
N LYS A 139 -6.13 18.50 -4.00
CA LYS A 139 -6.88 17.25 -4.13
C LYS A 139 -6.23 16.30 -5.12
N GLU A 140 -5.74 16.79 -6.25
CA GLU A 140 -5.14 15.88 -7.22
C GLU A 140 -3.85 15.27 -6.65
N ASP A 141 -3.07 16.05 -5.87
CA ASP A 141 -1.83 15.52 -5.26
C ASP A 141 -2.18 14.45 -4.23
N ASP A 142 -3.20 14.68 -3.41
CA ASP A 142 -3.62 13.65 -2.45
C ASP A 142 -4.05 12.39 -3.19
N SER A 143 -4.82 12.58 -4.26
CA SER A 143 -5.34 11.46 -5.05
C SER A 143 -4.19 10.65 -5.65
N ASN A 144 -3.22 11.34 -6.24
CA ASN A 144 -2.07 10.67 -6.86
C ASN A 144 -1.19 10.00 -5.80
N LEU A 145 -1.09 10.56 -4.60
CA LEU A 145 -0.35 9.88 -3.53
C LEU A 145 -1.03 8.56 -3.20
N LEU A 146 -2.37 8.58 -3.09
CA LEU A 146 -3.10 7.31 -2.78
C LEU A 146 -2.97 6.31 -3.94
N ILE A 147 -3.06 6.78 -5.22
CA ILE A 147 -2.85 5.86 -6.33
C ILE A 147 -1.42 5.27 -6.24
N GLY A 148 -0.42 6.10 -5.93
CA GLY A 148 0.96 5.62 -5.80
C GLY A 148 1.12 4.59 -4.70
N ILE A 149 0.43 4.78 -3.55
CA ILE A 149 0.50 3.81 -2.45
C ILE A 149 -0.15 2.49 -2.92
N TYR A 150 -1.25 2.59 -3.67
CA TYR A 150 -1.88 1.37 -4.19
C TYR A 150 -0.93 0.62 -5.15
N GLU A 151 -0.26 1.35 -6.01
CA GLU A 151 0.55 0.79 -7.08
C GLU A 151 1.90 0.26 -6.58
N TYR A 152 2.53 1.02 -5.67
CA TYR A 152 3.89 0.75 -5.22
C TYR A 152 4.02 0.30 -3.78
N GLY A 153 2.94 0.40 -3.00
CA GLY A 153 2.96 -0.03 -1.61
C GLY A 153 3.02 1.13 -0.66
N TYR A 154 2.41 0.94 0.53
CA TYR A 154 2.49 1.91 1.59
C TYR A 154 3.95 2.08 1.98
N GLY A 155 4.39 3.34 2.07
CA GLY A 155 5.77 3.65 2.44
C GLY A 155 6.79 3.64 1.32
N SER A 156 6.37 3.33 0.07
CA SER A 156 7.31 3.27 -1.08
C SER A 156 7.43 4.65 -1.71
N TRP A 157 7.86 5.65 -0.91
CA TRP A 157 7.83 7.04 -1.35
C TRP A 157 8.74 7.30 -2.53
N GLU A 158 9.95 6.67 -2.56
CA GLU A 158 10.88 6.92 -3.68
C GLU A 158 10.26 6.36 -4.99
N MET A 159 9.64 5.16 -4.94
CA MET A 159 9.03 4.60 -6.14
C MET A 159 7.91 5.52 -6.64
N ILE A 160 7.13 6.09 -5.71
CA ILE A 160 6.03 6.99 -6.12
C ILE A 160 6.64 8.25 -6.75
N LYS A 161 7.73 8.79 -6.17
CA LYS A 161 8.39 9.96 -6.74
C LYS A 161 8.91 9.68 -8.17
N MET A 162 9.43 8.45 -8.39
CA MET A 162 10.03 8.07 -9.68
C MET A 162 8.98 7.78 -10.75
N ASP A 163 7.69 7.65 -10.37
CA ASP A 163 6.63 7.36 -11.35
C ASP A 163 6.46 8.57 -12.28
N PRO A 164 6.59 8.36 -13.61
CA PRO A 164 6.54 9.49 -14.53
C PRO A 164 5.14 10.00 -14.90
N ASP A 165 4.08 9.40 -14.34
CA ASP A 165 2.68 9.75 -14.65
C ASP A 165 1.91 10.30 -13.45
N LEU A 166 2.41 10.06 -12.23
CA LEU A 166 1.68 10.50 -11.04
C LEU A 166 1.91 11.96 -10.69
N SER A 167 2.78 12.66 -11.43
CA SER A 167 3.00 14.08 -11.22
C SER A 167 3.40 14.42 -9.77
N LEU A 168 4.24 13.56 -9.16
CA LEU A 168 4.75 13.84 -7.83
C LEU A 168 6.27 13.94 -7.84
N THR A 169 6.91 13.63 -8.98
CA THR A 169 8.38 13.64 -9.08
C THR A 169 9.01 14.93 -8.59
N HIS A 170 8.42 16.09 -8.92
CA HIS A 170 8.97 17.40 -8.59
C HIS A 170 8.20 18.03 -7.44
N LYS A 171 7.50 17.21 -6.63
CA LYS A 171 6.72 17.72 -5.50
C LYS A 171 7.14 17.04 -4.21
N ILE A 172 7.21 15.71 -4.21
CA ILE A 172 7.54 15.01 -2.97
C ILE A 172 9.04 14.73 -2.86
N LEU A 173 9.47 14.42 -1.62
CA LEU A 173 10.84 14.11 -1.26
C LEU A 173 11.82 15.12 -1.89
N PRO A 174 11.73 16.39 -1.52
CA PRO A 174 12.70 17.35 -2.04
C PRO A 174 14.13 16.93 -1.73
N ASP A 175 15.08 17.33 -2.59
CA ASP A 175 16.50 17.07 -2.32
C ASP A 175 16.92 17.72 -1.03
N ASP A 176 16.39 18.93 -0.77
CA ASP A 176 16.69 19.67 0.46
C ASP A 176 15.95 19.02 1.62
N PRO A 177 16.70 18.45 2.61
CA PRO A 177 16.04 17.70 3.70
C PRO A 177 15.19 18.55 4.64
N ASP A 178 15.31 19.88 4.54
CA ASP A 178 14.51 20.79 5.35
C ASP A 178 13.20 21.19 4.65
N LYS A 179 13.01 20.76 3.39
CA LYS A 179 11.79 21.10 2.64
C LYS A 179 10.81 19.93 2.67
N LYS A 180 9.52 20.25 2.69
CA LYS A 180 8.48 19.24 2.78
C LYS A 180 7.75 19.02 1.43
N PRO A 181 7.11 17.84 1.24
CA PRO A 181 7.00 16.71 2.17
C PRO A 181 8.12 15.65 2.03
N GLN A 182 8.76 15.36 3.17
CA GLN A 182 9.69 14.24 3.27
C GLN A 182 8.88 13.01 3.69
N ALA A 183 9.58 11.87 3.94
CA ALA A 183 8.85 10.64 4.29
C ALA A 183 7.92 10.86 5.48
N LYS A 184 8.38 11.59 6.54
CA LYS A 184 7.53 11.83 7.71
C LYS A 184 6.18 12.44 7.31
N GLN A 185 6.22 13.52 6.50
CA GLN A 185 4.99 14.21 6.09
C GLN A 185 4.13 13.32 5.19
N LEU A 186 4.75 12.50 4.31
CA LEU A 186 3.98 11.59 3.46
C LEU A 186 3.26 10.52 4.29
N GLN A 187 3.95 10.00 5.30
CA GLN A 187 3.34 9.00 6.21
C GLN A 187 2.17 9.65 6.96
N THR A 188 2.36 10.86 7.50
CA THR A 188 1.27 11.55 8.23
C THR A 188 0.09 11.79 7.31
N ARG A 189 0.38 12.28 6.10
CA ARG A 189 -0.69 12.62 5.15
C ARG A 189 -1.41 11.34 4.71
N ALA A 190 -0.66 10.30 4.36
CA ALA A 190 -1.27 9.04 3.90
C ALA A 190 -2.17 8.45 4.98
N ASP A 191 -1.70 8.46 6.24
CA ASP A 191 -2.52 7.91 7.33
C ASP A 191 -3.82 8.71 7.50
N TYR A 192 -3.75 10.02 7.35
CA TYR A 192 -4.89 10.91 7.43
C TYR A 192 -5.85 10.58 6.28
N LEU A 193 -5.33 10.49 5.06
CA LEU A 193 -6.19 10.20 3.89
C LEU A 193 -6.85 8.83 3.98
N ILE A 194 -6.12 7.80 4.49
CA ILE A 194 -6.71 6.45 4.57
C ILE A 194 -7.81 6.45 5.64
N LYS A 195 -7.58 7.18 6.77
CA LYS A 195 -8.65 7.30 7.79
C LYS A 195 -9.89 8.02 7.18
N LEU A 196 -9.68 9.07 6.36
CA LEU A 196 -10.77 9.77 5.67
CA LEU A 196 -10.76 9.77 5.67
C LEU A 196 -11.55 8.79 4.78
N LEU A 197 -10.82 7.93 4.04
CA LEU A 197 -11.46 6.94 3.19
C LEU A 197 -12.30 5.98 4.04
N SER A 198 -11.76 5.57 5.19
CA SER A 198 -12.50 4.63 6.07
C SER A 198 -13.82 5.24 6.52
N ARG A 199 -13.77 6.54 6.92
CA ARG A 199 -14.96 7.27 7.35
C ARG A 199 -15.95 7.41 6.19
N ASP A 200 -15.43 7.70 4.99
CA ASP A 200 -16.29 7.84 3.81
C ASP A 200 -16.98 6.53 3.44
N LEU A 201 -16.25 5.41 3.52
CA LEU A 201 -16.83 4.11 3.21
C LEU A 201 -17.94 3.79 4.19
N ALA A 202 -17.70 4.04 5.50
CA ALA A 202 -18.75 3.77 6.49
C ALA A 202 -20.00 4.65 6.23
N LYS A 203 -19.79 5.91 5.89
CA LYS A 203 -20.90 6.83 5.65
C LYS A 203 -21.72 6.35 4.45
N LYS A 204 -21.04 5.97 3.36
CA LYS A 204 -21.71 5.47 2.14
C LYS A 204 -22.46 4.16 2.40
N GLU A 205 -21.88 3.27 3.21
CA GLU A 205 -22.58 2.03 3.59
C GLU A 205 -23.85 2.37 4.38
N ALA A 206 -23.74 3.29 5.36
CA ALA A 206 -24.94 3.68 6.15
C ALA A 206 -26.01 4.38 5.29
N LEU A 207 -25.57 5.26 4.38
CA LEU A 207 -26.51 5.99 3.54
C LEU A 207 -27.21 5.09 2.52
N SER A 208 -26.50 4.09 1.97
CA SER A 208 -27.09 3.27 0.89
C SER A 208 -27.98 2.21 1.45
N GLY A 209 -27.64 1.75 2.65
CA GLY A 209 -28.36 0.68 3.33
C GLY A 209 -27.84 -0.67 2.88
N ALA A 210 -26.79 -0.68 2.01
CA ALA A 210 -26.14 -1.88 1.49
C ALA A 210 -24.90 -2.16 2.31
N GLY A 211 -24.89 -3.31 2.97
CA GLY A 211 -23.78 -3.77 3.81
C GLY A 211 -22.52 -4.06 3.03
#